data_9NJ8
#
_entry.id   9NJ8
#
_cell.length_a   111.706
_cell.length_b   111.706
_cell.length_c   75.735
_cell.angle_alpha   90.00
_cell.angle_beta   90.00
_cell.angle_gamma   120.00
#
_symmetry.space_group_name_H-M   'P 31 2 1'
#
loop_
_entity.id
_entity.type
_entity.pdbx_description
1 polymer 'histidine kinase'
2 water water
#
_entity_poly.entity_id   1
_entity_poly.type   'polypeptide(L)'
_entity_poly.pdbx_seq_one_letter_code
;NNLALRAELLATQIREPLNNSIGVLQSLTSIGKSAADKEEQERMLRSLFSVVGGVIISGGLWPEPNLSATDPSLRYDSLF
FNKATDGQVDQLSSWNNPKAGGYDRESWYLAAEREAEGLYFWSPVYVDPYTRVEMITVSTPYYRNGQFAGVATVNLSLES
LIQFVAATAEQYNLGVNLKDAFGVEVVSHNFRTYDNALVSYYSFGEFNWQIEVVNAN
;
_entity_poly.pdbx_strand_id   A,B
#
# COMPACT_ATOMS: atom_id res chain seq x y z
N LEU A 3 13.68 11.60 15.92
CA LEU A 3 12.91 12.54 15.11
C LEU A 3 13.25 12.34 13.64
N ALA A 4 14.52 12.04 13.37
CA ALA A 4 14.97 11.79 12.01
C ALA A 4 14.39 10.48 11.50
N LEU A 5 14.81 9.38 12.10
CA LEU A 5 14.28 8.07 11.73
C LEU A 5 12.79 8.01 11.98
N ARG A 6 12.32 8.63 13.07
CA ARG A 6 10.88 8.59 13.35
C ARG A 6 10.09 9.30 12.26
N ALA A 7 10.66 10.38 11.70
CA ALA A 7 10.00 11.06 10.60
C ALA A 7 10.11 10.27 9.31
N GLU A 8 11.21 9.53 9.14
CA GLU A 8 11.34 8.68 7.96
C GLU A 8 10.31 7.56 7.97
N LEU A 9 10.07 6.97 9.14
CA LEU A 9 9.07 5.92 9.22
C LEU A 9 7.66 6.47 9.09
N LEU A 10 7.46 7.74 9.41
CA LEU A 10 6.15 8.35 9.23
C LEU A 10 5.87 8.58 7.75
N ALA A 11 6.83 9.15 7.03
CA ALA A 11 6.67 9.31 5.59
C ALA A 11 6.37 7.97 4.95
N THR A 12 7.03 6.90 5.43
CA THR A 12 6.77 5.59 4.86
C THR A 12 5.32 5.18 5.09
N GLN A 13 4.83 5.39 6.30
CA GLN A 13 3.47 4.98 6.60
C GLN A 13 2.44 5.91 6.00
N ILE A 14 2.84 7.09 5.54
CA ILE A 14 1.89 7.99 4.89
C ILE A 14 1.87 7.80 3.38
N ARG A 15 2.95 7.29 2.80
CA ARG A 15 2.96 7.05 1.35
C ARG A 15 2.08 5.86 0.95
N GLU A 16 1.54 5.11 1.93
CA GLU A 16 0.74 3.94 1.56
C GLU A 16 -0.57 4.33 0.90
N PRO A 17 -1.44 5.13 1.52
CA PRO A 17 -2.69 5.51 0.83
C PRO A 17 -2.47 6.34 -0.44
N LEU A 18 -1.37 7.09 -0.53
CA LEU A 18 -1.10 7.86 -1.75
C LEU A 18 -0.71 6.94 -2.89
N ASN A 19 0.25 6.04 -2.67
CA ASN A 19 0.64 5.10 -3.71
C ASN A 19 -0.51 4.18 -4.09
N ASN A 20 -1.39 3.85 -3.12
CA ASN A 20 -2.57 3.07 -3.46
C ASN A 20 -3.62 3.91 -4.19
N SER A 21 -3.53 5.24 -4.09
CA SER A 21 -4.34 6.10 -4.94
C SER A 21 -3.86 6.03 -6.38
N ILE A 22 -2.54 5.93 -6.56
CA ILE A 22 -1.99 5.71 -7.90
C ILE A 22 -2.40 4.35 -8.43
N GLY A 23 -2.36 3.32 -7.58
CA GLY A 23 -2.74 2.00 -8.05
C GLY A 23 -4.15 1.98 -8.60
N VAL A 24 -5.10 2.55 -7.86
CA VAL A 24 -6.48 2.60 -8.34
C VAL A 24 -6.54 3.40 -9.63
N LEU A 25 -5.78 4.50 -9.70
CA LEU A 25 -5.80 5.32 -10.90
C LEU A 25 -5.24 4.56 -12.09
N GLN A 26 -4.26 3.70 -11.86
CA GLN A 26 -3.76 2.87 -12.95
C GLN A 26 -4.79 1.84 -13.39
N SER A 27 -5.62 1.37 -12.45
CA SER A 27 -6.69 0.47 -12.83
C SER A 27 -7.75 1.20 -13.65
N LEU A 28 -8.05 2.44 -13.28
CA LEU A 28 -8.98 3.23 -14.09
C LEU A 28 -8.44 3.41 -15.51
N THR A 29 -7.15 3.71 -15.63
CA THR A 29 -6.56 3.89 -16.96
C THR A 29 -6.69 2.62 -17.78
N SER A 30 -6.45 1.47 -17.16
CA SER A 30 -6.55 0.21 -17.90
C SER A 30 -7.96 -0.01 -18.39
N ILE A 31 -8.97 0.33 -17.57
CA ILE A 31 -10.36 0.17 -17.97
C ILE A 31 -10.68 1.07 -19.16
N GLY A 32 -10.19 2.32 -19.12
CA GLY A 32 -10.42 3.20 -20.24
C GLY A 32 -9.76 2.73 -21.52
N LYS A 33 -8.65 2.01 -21.39
CA LYS A 33 -7.94 1.46 -22.53
C LYS A 33 -8.47 0.10 -22.96
N SER A 34 -9.47 -0.43 -22.28
CA SER A 34 -9.87 -1.82 -22.44
C SER A 34 -10.73 -2.07 -23.68
N ALA A 35 -11.15 -1.04 -24.41
CA ALA A 35 -12.06 -1.21 -25.53
C ALA A 35 -13.32 -1.93 -25.04
N ALA A 36 -13.94 -1.38 -24.00
CA ALA A 36 -15.07 -1.98 -23.34
C ALA A 36 -16.33 -1.14 -23.54
N ASP A 37 -17.46 -1.83 -23.66
CA ASP A 37 -18.74 -1.17 -23.69
C ASP A 37 -19.03 -0.54 -22.32
N LYS A 38 -19.89 0.47 -22.32
CA LYS A 38 -20.18 1.19 -21.09
C LYS A 38 -20.71 0.27 -20.01
N GLU A 39 -21.55 -0.69 -20.38
CA GLU A 39 -22.15 -1.61 -19.41
C GLU A 39 -21.04 -2.21 -18.54
N GLU A 40 -20.24 -3.11 -19.14
CA GLU A 40 -19.20 -3.80 -18.38
C GLU A 40 -18.33 -2.82 -17.60
N GLN A 41 -18.03 -1.65 -18.20
CA GLN A 41 -17.25 -0.65 -17.49
C GLN A 41 -17.91 -0.26 -16.18
N GLU A 42 -19.21 0.02 -16.20
CA GLU A 42 -19.90 0.33 -14.96
C GLU A 42 -19.74 -0.80 -13.95
N ARG A 43 -19.80 -2.05 -14.42
CA ARG A 43 -19.68 -3.19 -13.51
C ARG A 43 -18.34 -3.18 -12.80
N MET A 44 -17.27 -2.89 -13.55
CA MET A 44 -15.92 -2.96 -12.99
C MET A 44 -15.58 -1.73 -12.17
N LEU A 45 -16.07 -0.56 -12.56
CA LEU A 45 -15.76 0.66 -11.82
C LEU A 45 -16.46 0.68 -10.47
N ARG A 46 -17.65 0.09 -10.38
CA ARG A 46 -18.30 -0.05 -9.08
C ARG A 46 -17.51 -0.98 -8.17
N SER A 47 -16.98 -2.08 -8.72
CA SER A 47 -16.18 -2.99 -7.94
C SER A 47 -14.90 -2.32 -7.45
N LEU A 48 -14.20 -1.62 -8.34
CA LEU A 48 -12.93 -1.00 -7.96
C LEU A 48 -13.10 0.00 -6.82
N PHE A 49 -14.17 0.80 -6.86
CA PHE A 49 -14.45 1.72 -5.78
C PHE A 49 -15.08 1.03 -4.59
N SER A 50 -15.56 -0.19 -4.73
CA SER A 50 -16.11 -0.91 -3.58
C SER A 50 -15.04 -1.25 -2.56
N VAL A 51 -13.77 -0.93 -2.81
CA VAL A 51 -12.75 -1.11 -1.78
C VAL A 51 -13.24 -0.47 -0.49
N VAL A 52 -12.97 -1.14 0.62
CA VAL A 52 -13.48 -0.69 1.92
C VAL A 52 -12.64 0.47 2.42
N GLY A 53 -13.32 1.49 2.95
CA GLY A 53 -12.63 2.63 3.52
C GLY A 53 -11.66 3.24 2.55
N GLY A 54 -10.46 3.55 3.05
CA GLY A 54 -9.44 4.17 2.24
C GLY A 54 -9.59 5.68 2.20
N VAL A 55 -8.73 6.29 1.40
CA VAL A 55 -8.70 7.74 1.25
C VAL A 55 -9.50 8.22 0.05
N ILE A 56 -9.93 7.33 -0.84
CA ILE A 56 -10.63 7.74 -2.04
C ILE A 56 -12.10 7.92 -1.72
N ILE A 57 -12.65 9.06 -2.13
CA ILE A 57 -14.08 9.33 -1.94
C ILE A 57 -14.86 9.16 -3.24
N SER A 58 -14.24 9.49 -4.37
CA SER A 58 -14.93 9.40 -5.67
C SER A 58 -13.88 9.28 -6.77
N GLY A 59 -14.32 9.36 -8.01
CA GLY A 59 -13.43 9.22 -9.15
C GLY A 59 -14.15 8.57 -10.31
N GLY A 60 -13.51 8.64 -11.48
CA GLY A 60 -14.12 8.05 -12.66
C GLY A 60 -13.33 8.34 -13.92
N LEU A 61 -14.01 8.21 -15.06
CA LEU A 61 -13.43 8.39 -16.37
C LEU A 61 -14.13 9.52 -17.10
N TRP A 62 -13.37 10.24 -17.92
CA TRP A 62 -13.83 11.47 -18.55
C TRP A 62 -13.36 11.49 -19.99
N PRO A 63 -14.10 10.83 -20.89
CA PRO A 63 -13.66 10.76 -22.29
C PRO A 63 -13.75 12.09 -23.01
N GLU A 64 -13.08 12.14 -24.15
CA GLU A 64 -13.11 13.35 -24.97
C GLU A 64 -14.56 13.64 -25.35
N PRO A 65 -15.01 14.88 -25.25
CA PRO A 65 -16.39 15.20 -25.67
C PRO A 65 -16.67 14.81 -27.12
N ASN A 66 -17.96 14.76 -27.44
CA ASN A 66 -18.44 14.40 -28.77
C ASN A 66 -18.06 12.95 -29.10
N ARG A 75 -22.87 13.33 -26.56
CA ARG A 75 -21.89 14.41 -26.41
C ARG A 75 -20.93 14.07 -25.26
N TYR A 76 -21.44 14.11 -24.04
CA TYR A 76 -20.67 13.84 -22.84
C TYR A 76 -21.07 12.49 -22.26
N ASP A 77 -20.07 11.66 -21.94
CA ASP A 77 -20.29 10.32 -21.42
C ASP A 77 -19.26 10.05 -20.32
N SER A 78 -19.45 10.68 -19.17
CA SER A 78 -18.55 10.51 -18.03
C SER A 78 -19.13 9.47 -17.08
N LEU A 79 -18.29 8.54 -16.64
CA LEU A 79 -18.68 7.51 -15.68
C LEU A 79 -18.08 7.91 -14.33
N PHE A 80 -18.85 8.65 -13.55
CA PHE A 80 -18.44 9.17 -12.25
C PHE A 80 -19.14 8.37 -11.15
N PHE A 81 -18.39 8.07 -10.09
CA PHE A 81 -18.92 7.29 -8.97
C PHE A 81 -18.49 7.96 -7.67
N ASN A 82 -19.36 7.91 -6.67
CA ASN A 82 -19.04 8.42 -5.35
C ASN A 82 -19.37 7.37 -4.29
N LYS A 83 -18.66 7.44 -3.19
CA LYS A 83 -18.84 6.55 -2.04
C LYS A 83 -19.48 7.37 -0.93
N ALA A 84 -20.72 7.04 -0.58
CA ALA A 84 -21.40 7.70 0.53
C ALA A 84 -21.62 6.72 1.69
N VAL A 89 -22.19 3.01 -2.95
CA VAL A 89 -21.66 3.70 -4.13
C VAL A 89 -22.82 4.09 -5.05
N ASP A 90 -22.79 5.33 -5.53
CA ASP A 90 -23.84 5.90 -6.36
C ASP A 90 -23.20 6.61 -7.55
N GLN A 91 -23.51 6.14 -8.75
CA GLN A 91 -22.95 6.76 -9.95
C GLN A 91 -23.60 8.12 -10.19
N LEU A 92 -22.78 9.15 -10.30
CA LEU A 92 -23.30 10.51 -10.46
C LEU A 92 -23.75 10.77 -11.89
N SER A 93 -24.56 11.82 -12.05
CA SER A 93 -25.22 12.13 -13.32
C SER A 93 -24.66 13.39 -13.97
N SER A 94 -24.57 14.50 -13.23
CA SER A 94 -24.14 15.77 -13.81
C SER A 94 -22.76 15.61 -14.43
N TRP A 95 -22.23 16.71 -15.00
CA TRP A 95 -21.01 16.74 -15.79
C TRP A 95 -21.34 16.48 -17.26
N ASN A 96 -22.47 15.82 -17.52
CA ASN A 96 -22.85 15.50 -18.88
C ASN A 96 -24.09 16.28 -19.29
N GLY A 102 -18.66 21.82 -19.85
CA GLY A 102 -18.44 20.40 -19.64
C GLY A 102 -17.17 20.15 -18.86
N TYR A 103 -16.99 18.91 -18.40
CA TYR A 103 -15.78 18.55 -17.66
C TYR A 103 -14.51 18.75 -18.47
N ASP A 104 -14.64 18.91 -19.80
CA ASP A 104 -13.45 19.08 -20.63
C ASP A 104 -12.69 20.36 -20.32
N ARG A 105 -13.31 21.32 -19.62
CA ARG A 105 -12.66 22.58 -19.30
C ARG A 105 -12.27 22.68 -17.82
N GLU A 106 -12.18 21.55 -17.12
CA GLU A 106 -11.85 21.55 -15.70
C GLU A 106 -10.35 21.42 -15.49
N SER A 107 -9.82 22.24 -14.59
CA SER A 107 -8.38 22.28 -14.34
C SER A 107 -7.74 20.91 -14.37
N TRP A 108 -8.27 19.97 -13.57
CA TRP A 108 -7.70 18.64 -13.53
C TRP A 108 -7.72 18.00 -14.91
N TYR A 109 -8.81 18.17 -15.65
CA TYR A 109 -8.88 17.61 -16.99
C TYR A 109 -7.76 18.14 -17.88
N LEU A 110 -7.55 19.46 -17.86
CA LEU A 110 -6.63 20.07 -18.82
C LEU A 110 -5.19 19.72 -18.51
N ALA A 111 -4.85 19.61 -17.23
CA ALA A 111 -3.48 19.30 -16.86
C ALA A 111 -3.02 17.98 -17.47
N ALA A 112 -3.96 17.07 -17.73
CA ALA A 112 -3.64 15.74 -18.22
C ALA A 112 -4.01 15.53 -19.69
N GLU A 113 -4.65 16.50 -20.32
CA GLU A 113 -5.15 16.31 -21.68
C GLU A 113 -3.99 16.12 -22.66
N ARG A 114 -3.99 14.97 -23.34
CA ARG A 114 -2.97 14.66 -24.35
C ARG A 114 -1.56 14.76 -23.78
N GLU A 115 -1.37 14.15 -22.60
CA GLU A 115 -0.06 14.02 -21.99
C GLU A 115 0.40 12.58 -22.10
N ALA A 116 1.70 12.37 -21.91
CA ALA A 116 2.26 11.03 -22.00
C ALA A 116 1.58 10.11 -20.99
N GLU A 117 1.16 8.93 -21.46
CA GLU A 117 0.46 7.99 -20.60
C GLU A 117 1.38 7.49 -19.50
N GLY A 118 0.91 7.59 -18.26
CA GLY A 118 1.71 7.24 -17.09
C GLY A 118 2.09 8.42 -16.23
N LEU A 119 1.77 9.65 -16.65
CA LEU A 119 2.03 10.84 -15.86
C LEU A 119 0.81 11.15 -15.00
N TYR A 120 1.07 11.58 -13.77
CA TYR A 120 0.03 11.81 -12.77
C TYR A 120 0.12 13.25 -12.29
N PHE A 121 -1.03 13.92 -12.25
CA PHE A 121 -1.11 15.33 -11.92
C PHE A 121 -1.98 15.49 -10.69
N TRP A 122 -1.39 16.01 -9.63
CA TRP A 122 -2.10 16.26 -8.39
C TRP A 122 -2.62 17.69 -8.39
N SER A 123 -3.92 17.84 -8.19
CA SER A 123 -4.51 19.17 -8.14
C SER A 123 -4.32 19.77 -6.75
N PRO A 124 -4.58 21.05 -6.60
CA PRO A 124 -4.57 21.65 -5.26
C PRO A 124 -5.71 21.11 -4.41
N VAL A 125 -5.71 21.51 -3.15
CA VAL A 125 -6.86 21.26 -2.29
C VAL A 125 -7.98 22.18 -2.74
N TYR A 126 -9.16 21.61 -2.94
CA TYR A 126 -10.30 22.41 -3.37
C TYR A 126 -11.59 21.74 -2.92
N VAL A 127 -12.70 22.45 -3.09
CA VAL A 127 -14.02 21.98 -2.71
C VAL A 127 -14.78 21.63 -3.97
N ASP A 128 -15.13 20.35 -4.13
CA ASP A 128 -15.91 19.91 -5.29
C ASP A 128 -17.30 20.53 -5.23
N PRO A 129 -17.73 21.29 -6.24
CA PRO A 129 -19.10 21.82 -6.21
C PRO A 129 -20.16 20.73 -6.20
N TYR A 130 -19.95 19.66 -6.97
CA TYR A 130 -20.95 18.62 -7.11
C TYR A 130 -21.06 17.79 -5.83
N THR A 131 -19.99 17.07 -5.49
CA THR A 131 -20.02 16.18 -4.34
C THR A 131 -19.84 16.91 -3.02
N ARG A 132 -19.37 18.16 -3.04
CA ARG A 132 -19.33 18.97 -1.83
C ARG A 132 -18.36 18.38 -0.81
N VAL A 133 -17.14 18.09 -1.28
CA VAL A 133 -16.11 17.47 -0.45
C VAL A 133 -14.79 18.19 -0.73
N GLU A 134 -14.07 18.53 0.34
CA GLU A 134 -12.71 19.04 0.20
C GLU A 134 -11.81 17.87 -0.21
N MET A 135 -11.08 18.01 -1.32
CA MET A 135 -10.43 16.87 -1.94
C MET A 135 -9.22 17.32 -2.74
N ILE A 136 -8.47 16.32 -3.24
CA ILE A 136 -7.40 16.52 -4.21
C ILE A 136 -7.67 15.58 -5.37
N THR A 137 -7.54 16.08 -6.59
CA THR A 137 -7.88 15.31 -7.78
C THR A 137 -6.59 14.97 -8.52
N VAL A 138 -6.25 13.70 -8.52
CA VAL A 138 -5.13 13.19 -9.30
C VAL A 138 -5.67 12.73 -10.64
N SER A 139 -5.04 13.21 -11.72
CA SER A 139 -5.54 12.95 -13.07
C SER A 139 -4.43 12.42 -13.97
N THR A 140 -4.81 11.52 -14.87
CA THR A 140 -3.91 10.90 -15.83
C THR A 140 -4.67 10.67 -17.13
N PRO A 141 -3.99 10.68 -18.28
CA PRO A 141 -4.66 10.34 -19.53
C PRO A 141 -4.56 8.85 -19.85
N TYR A 142 -5.56 8.38 -20.60
CA TYR A 142 -5.56 7.03 -21.15
C TYR A 142 -5.76 7.11 -22.66
N TYR A 143 -5.17 6.14 -23.36
CA TYR A 143 -5.14 6.15 -24.81
C TYR A 143 -5.79 4.89 -25.39
N ARG A 144 -6.28 5.03 -26.61
CA ARG A 144 -6.82 3.92 -27.37
C ARG A 144 -6.41 4.12 -28.83
N ASN A 145 -5.76 3.12 -29.41
CA ASN A 145 -5.31 3.18 -30.80
C ASN A 145 -4.43 4.40 -31.04
N GLY A 146 -3.47 4.62 -30.13
CA GLY A 146 -2.51 5.68 -30.30
C GLY A 146 -3.14 7.06 -30.35
N GLN A 147 -4.41 7.14 -29.97
CA GLN A 147 -5.14 8.40 -29.93
C GLN A 147 -5.52 8.69 -28.49
N PHE A 148 -5.52 9.98 -28.13
CA PHE A 148 -5.97 10.35 -26.80
C PHE A 148 -7.45 10.01 -26.66
N ALA A 149 -7.82 9.35 -25.56
CA ALA A 149 -9.18 8.89 -25.38
C ALA A 149 -9.91 9.57 -24.24
N GLY A 150 -9.22 9.97 -23.18
CA GLY A 150 -9.88 10.63 -22.08
C GLY A 150 -8.94 10.84 -20.91
N VAL A 151 -9.53 11.11 -19.75
CA VAL A 151 -8.78 11.36 -18.53
C VAL A 151 -9.45 10.58 -17.42
N ALA A 152 -8.65 9.84 -16.67
CA ALA A 152 -9.09 9.15 -15.46
C ALA A 152 -8.74 10.02 -14.26
N THR A 153 -9.56 9.94 -13.22
CA THR A 153 -9.33 10.74 -12.04
C THR A 153 -9.65 9.94 -10.78
N VAL A 154 -9.01 10.32 -9.70
CA VAL A 154 -9.24 9.76 -8.38
C VAL A 154 -9.27 10.92 -7.40
N ASN A 155 -10.39 11.11 -6.71
CA ASN A 155 -10.59 12.20 -5.77
C ASN A 155 -10.39 11.70 -4.35
N LEU A 156 -9.50 12.38 -3.62
CA LEU A 156 -9.06 11.94 -2.30
C LEU A 156 -9.62 12.88 -1.26
N SER A 157 -10.34 12.33 -0.28
CA SER A 157 -10.96 13.16 0.75
C SER A 157 -9.89 13.70 1.69
N LEU A 158 -9.93 15.02 1.92
CA LEU A 158 -8.98 15.63 2.85
C LEU A 158 -9.24 15.20 4.28
N GLU A 159 -10.49 14.92 4.64
CA GLU A 159 -10.77 14.47 5.99
C GLU A 159 -10.25 13.06 6.22
N SER A 160 -10.34 12.19 5.21
CA SER A 160 -9.78 10.85 5.33
C SER A 160 -8.26 10.89 5.43
N LEU A 161 -7.63 11.76 4.65
CA LEU A 161 -6.18 11.92 4.75
C LEU A 161 -5.78 12.55 6.08
N ILE A 162 -6.60 13.45 6.62
CA ILE A 162 -6.23 14.16 7.84
C ILE A 162 -6.28 13.21 9.04
N GLN A 163 -7.38 12.45 9.17
CA GLN A 163 -7.49 11.53 10.29
C GLN A 163 -6.41 10.45 10.24
N PHE A 164 -6.02 10.03 9.04
CA PHE A 164 -4.99 8.99 8.93
C PHE A 164 -3.63 9.52 9.36
N VAL A 165 -3.27 10.71 8.90
CA VAL A 165 -1.99 11.29 9.25
C VAL A 165 -1.96 11.64 10.74
N ALA A 166 -3.08 12.10 11.27
CA ALA A 166 -3.13 12.47 12.68
C ALA A 166 -2.96 11.24 13.57
N ALA A 167 -3.61 10.14 13.20
CA ALA A 167 -3.50 8.92 13.99
C ALA A 167 -2.11 8.29 13.87
N THR A 168 -1.47 8.43 12.70
CA THR A 168 -0.16 7.84 12.51
C THR A 168 0.90 8.60 13.29
N ALA A 169 0.90 9.93 13.17
CA ALA A 169 1.89 10.74 13.87
C ALA A 169 1.73 10.62 15.39
N GLU A 170 0.49 10.75 15.87
CA GLU A 170 0.25 10.63 17.31
C GLU A 170 0.69 9.27 17.84
N GLN A 171 0.62 8.23 17.00
CA GLN A 171 1.09 6.92 17.41
C GLN A 171 2.61 6.85 17.45
N TYR A 172 3.28 7.68 16.66
CA TYR A 172 4.72 7.85 16.78
C TYR A 172 5.09 8.96 17.74
N ASN A 173 4.11 9.52 18.46
CA ASN A 173 4.38 10.56 19.45
C ASN A 173 5.10 11.74 18.79
N LEU A 174 4.51 12.20 17.69
CA LEU A 174 5.08 13.29 16.91
C LEU A 174 3.97 14.22 16.43
N GLY A 175 4.34 15.49 16.23
CA GLY A 175 3.52 16.43 15.52
C GLY A 175 4.02 16.50 14.09
N VAL A 176 3.12 16.81 13.17
CA VAL A 176 3.43 16.72 11.75
C VAL A 176 2.77 17.86 10.99
N ASN A 177 3.47 18.33 9.97
CA ASN A 177 2.97 19.31 9.00
C ASN A 177 3.34 18.77 7.62
N LEU A 178 2.36 18.23 6.90
CA LEU A 178 2.57 17.75 5.53
C LEU A 178 2.11 18.83 4.56
N LYS A 179 2.88 18.99 3.48
CA LYS A 179 2.59 20.00 2.47
C LYS A 179 2.68 19.41 1.07
N ASP A 180 1.78 19.85 0.20
CA ASP A 180 1.80 19.48 -1.21
C ASP A 180 3.09 20.00 -1.83
N ALA A 181 3.32 19.67 -3.10
CA ALA A 181 4.36 20.39 -3.85
C ALA A 181 4.05 21.88 -3.90
N PHE A 182 2.80 22.26 -3.61
CA PHE A 182 2.36 23.64 -3.53
C PHE A 182 2.77 24.30 -2.22
N GLY A 183 3.49 23.60 -1.36
CA GLY A 183 3.80 24.14 -0.04
C GLY A 183 2.58 24.55 0.76
N VAL A 184 1.44 23.91 0.49
CA VAL A 184 0.17 24.29 1.10
C VAL A 184 -0.09 23.37 2.29
N GLU A 185 -0.49 23.96 3.41
CA GLU A 185 -0.76 23.20 4.63
C GLU A 185 -1.90 22.22 4.41
N VAL A 186 -1.56 20.96 4.13
CA VAL A 186 -2.59 19.95 3.92
C VAL A 186 -3.15 19.45 5.26
N VAL A 187 -2.27 19.13 6.20
CA VAL A 187 -2.67 18.66 7.51
C VAL A 187 -1.74 19.28 8.56
N SER A 188 -2.27 19.46 9.77
CA SER A 188 -1.49 20.00 10.87
C SER A 188 -1.97 19.34 12.15
N HIS A 189 -1.07 18.64 12.83
CA HIS A 189 -1.42 17.86 14.01
C HIS A 189 -0.32 18.02 15.05
N ASN A 190 -0.62 18.66 16.16
CA ASN A 190 0.32 18.78 17.26
C ASN A 190 1.62 19.42 16.80
N PHE A 191 1.51 20.45 15.98
CA PHE A 191 2.67 21.17 15.51
C PHE A 191 2.54 22.65 15.80
N ASP A 195 7.98 27.98 20.74
CA ASP A 195 8.52 26.92 21.59
C ASP A 195 9.86 26.43 21.05
N ASN A 196 10.84 26.28 21.94
CA ASN A 196 12.18 25.81 21.58
C ASN A 196 12.10 24.33 21.22
N ALA A 197 12.16 24.02 19.93
CA ALA A 197 11.96 22.65 19.50
C ALA A 197 12.79 22.36 18.24
N LEU A 198 13.09 21.09 18.04
CA LEU A 198 13.80 20.61 16.87
C LEU A 198 12.80 20.10 15.84
N VAL A 199 13.13 20.30 14.56
CA VAL A 199 12.26 19.95 13.46
C VAL A 199 13.04 19.13 12.43
N SER A 200 12.34 18.22 11.76
CA SER A 200 12.90 17.39 10.70
C SER A 200 12.08 17.61 9.44
N TYR A 201 12.74 18.06 8.37
CA TYR A 201 12.10 18.28 7.08
C TYR A 201 12.43 17.11 6.15
N TYR A 202 11.40 16.40 5.70
CA TYR A 202 11.58 15.20 4.91
C TYR A 202 10.72 15.29 3.65
N SER A 203 11.35 15.53 2.51
CA SER A 203 10.68 15.50 1.22
C SER A 203 10.71 14.07 0.69
N PHE A 204 9.55 13.57 0.25
CA PHE A 204 9.42 12.18 -0.14
C PHE A 204 8.54 12.09 -1.37
N GLY A 205 8.84 11.12 -2.23
CA GLY A 205 7.93 10.78 -3.31
C GLY A 205 8.23 11.52 -4.59
N GLU A 206 7.86 10.88 -5.71
CA GLU A 206 7.87 11.55 -7.01
C GLU A 206 7.21 12.93 -6.90
N PHE A 207 6.04 12.98 -6.25
CA PHE A 207 5.46 14.27 -5.87
C PHE A 207 6.29 14.91 -4.76
N ASN A 208 6.45 16.22 -4.85
CA ASN A 208 7.32 16.94 -3.92
C ASN A 208 6.56 17.36 -2.67
N TRP A 209 6.05 16.36 -1.96
CA TRP A 209 5.47 16.59 -0.65
C TRP A 209 6.56 16.53 0.40
N GLN A 210 6.35 17.26 1.49
CA GLN A 210 7.32 17.30 2.58
C GLN A 210 6.59 17.26 3.91
N ILE A 211 7.24 16.68 4.91
CA ILE A 211 6.72 16.64 6.27
C ILE A 211 7.66 17.42 7.16
N GLU A 212 7.08 18.16 8.11
CA GLU A 212 7.81 18.85 9.16
C GLU A 212 7.36 18.24 10.47
N VAL A 213 8.29 17.60 11.17
CA VAL A 213 7.93 16.71 12.27
C VAL A 213 8.66 17.14 13.54
N VAL A 214 7.91 17.23 14.64
CA VAL A 214 8.49 17.47 15.96
C VAL A 214 8.08 16.33 16.88
N ASN A 215 8.55 16.37 18.12
CA ASN A 215 8.16 15.38 19.12
C ASN A 215 6.99 15.94 19.92
N ALA A 216 5.96 15.12 20.09
CA ALA A 216 4.79 15.53 20.88
C ALA A 216 4.56 14.55 22.03
N ASN B 1 -10.74 -7.55 -21.67
CA ASN B 1 -11.96 -6.83 -21.31
C ASN B 1 -12.75 -7.57 -20.24
N ASN B 2 -12.92 -8.88 -20.41
CA ASN B 2 -13.83 -9.63 -19.57
C ASN B 2 -13.14 -10.60 -18.62
N LEU B 3 -11.83 -10.81 -18.74
CA LEU B 3 -11.12 -11.67 -17.81
C LEU B 3 -9.70 -11.17 -17.57
N ALA B 4 -8.96 -10.89 -18.64
CA ALA B 4 -7.59 -10.43 -18.47
C ALA B 4 -7.53 -9.15 -17.64
N LEU B 5 -8.48 -8.24 -17.88
CA LEU B 5 -8.47 -6.97 -17.17
C LEU B 5 -8.88 -7.12 -15.73
N ARG B 6 -10.02 -7.76 -15.48
CA ARG B 6 -10.43 -8.01 -14.10
C ARG B 6 -9.41 -8.86 -13.36
N ALA B 7 -8.56 -9.58 -14.08
CA ALA B 7 -7.45 -10.26 -13.43
C ALA B 7 -6.39 -9.26 -12.98
N GLU B 8 -6.04 -8.33 -13.87
CA GLU B 8 -5.07 -7.30 -13.49
C GLU B 8 -5.56 -6.49 -12.31
N LEU B 9 -6.87 -6.27 -12.21
CA LEU B 9 -7.40 -5.47 -11.12
C LEU B 9 -7.29 -6.21 -9.79
N LEU B 10 -7.62 -7.49 -9.77
CA LEU B 10 -7.43 -8.28 -8.57
C LEU B 10 -5.96 -8.30 -8.15
N ALA B 11 -5.06 -8.51 -9.12
CA ALA B 11 -3.64 -8.51 -8.81
C ALA B 11 -3.20 -7.18 -8.20
N THR B 12 -3.78 -6.07 -8.68
CA THR B 12 -3.40 -4.76 -8.16
C THR B 12 -3.73 -4.64 -6.68
N GLN B 13 -4.99 -4.87 -6.31
CA GLN B 13 -5.41 -4.75 -4.91
C GLN B 13 -4.71 -5.76 -4.02
N ILE B 14 -4.16 -6.82 -4.60
CA ILE B 14 -3.36 -7.77 -3.83
C ILE B 14 -1.90 -7.32 -3.71
N ARG B 15 -1.42 -6.53 -4.67
CA ARG B 15 -0.10 -5.95 -4.53
C ARG B 15 -0.02 -5.08 -3.28
N GLU B 16 -1.14 -4.50 -2.84
CA GLU B 16 -1.08 -3.53 -1.76
C GLU B 16 -0.62 -4.18 -0.46
N PRO B 17 -1.26 -5.22 0.07
CA PRO B 17 -0.78 -5.79 1.33
C PRO B 17 0.67 -6.23 1.29
N LEU B 18 1.15 -6.72 0.14
CA LEU B 18 2.48 -7.30 0.08
C LEU B 18 3.55 -6.23 -0.05
N ASN B 19 3.28 -5.19 -0.85
CA ASN B 19 4.23 -4.08 -0.95
C ASN B 19 4.32 -3.34 0.38
N ASN B 20 3.17 -3.11 1.02
CA ASN B 20 3.17 -2.49 2.34
C ASN B 20 4.05 -3.28 3.29
N SER B 21 3.89 -4.60 3.29
CA SER B 21 4.72 -5.45 4.14
C SER B 21 6.19 -5.23 3.84
N ILE B 22 6.52 -5.07 2.56
CA ILE B 22 7.91 -4.76 2.20
C ILE B 22 8.30 -3.40 2.80
N GLY B 23 7.35 -2.45 2.82
CA GLY B 23 7.64 -1.18 3.44
C GLY B 23 7.90 -1.30 4.93
N VAL B 24 7.09 -2.10 5.62
CA VAL B 24 7.31 -2.29 7.05
C VAL B 24 8.68 -2.89 7.28
N LEU B 25 9.02 -3.92 6.50
CA LEU B 25 10.33 -4.54 6.65
C LEU B 25 11.45 -3.57 6.35
N GLN B 26 11.22 -2.63 5.43
CA GLN B 26 12.21 -1.60 5.16
C GLN B 26 12.37 -0.66 6.34
N SER B 27 11.29 -0.40 7.07
CA SER B 27 11.40 0.40 8.28
C SER B 27 12.18 -0.35 9.35
N LEU B 28 11.87 -1.63 9.54
CA LEU B 28 12.66 -2.44 10.46
C LEU B 28 14.14 -2.36 10.14
N THR B 29 14.47 -2.38 8.85
CA THR B 29 15.87 -2.28 8.46
C THR B 29 16.45 -0.93 8.82
N SER B 30 15.68 0.15 8.60
CA SER B 30 16.17 1.48 8.96
C SER B 30 16.36 1.60 10.47
N ILE B 31 15.62 0.82 11.26
CA ILE B 31 15.82 0.84 12.71
C ILE B 31 17.06 0.04 13.09
N GLY B 32 17.21 -1.14 12.48
CA GLY B 32 18.38 -1.96 12.76
C GLY B 32 19.68 -1.36 12.27
N LYS B 33 19.62 -0.40 11.37
CA LYS B 33 20.80 0.31 10.89
C LYS B 33 21.11 1.55 11.71
N SER B 34 20.23 1.94 12.64
CA SER B 34 20.38 3.20 13.35
C SER B 34 21.28 3.02 14.57
N ALA B 35 21.87 4.14 15.01
CA ALA B 35 22.64 4.18 16.24
C ALA B 35 21.78 4.40 17.46
N ALA B 36 20.53 3.93 17.43
CA ALA B 36 19.64 4.10 18.57
C ALA B 36 19.94 3.03 19.60
N ASP B 37 19.98 3.44 20.87
CA ASP B 37 20.07 2.47 21.94
C ASP B 37 18.90 1.50 21.84
N LYS B 38 19.09 0.32 22.43
CA LYS B 38 18.10 -0.74 22.26
C LYS B 38 16.74 -0.33 22.81
N GLU B 39 16.71 0.54 23.82
CA GLU B 39 15.42 0.94 24.39
C GLU B 39 14.61 1.72 23.37
N GLU B 40 15.16 2.82 22.86
CA GLU B 40 14.53 3.61 21.82
C GLU B 40 13.97 2.70 20.73
N GLN B 41 14.75 1.69 20.35
CA GLN B 41 14.29 0.74 19.35
C GLN B 41 13.01 0.06 19.80
N GLU B 42 13.00 -0.51 21.01
CA GLU B 42 11.78 -1.15 21.52
C GLU B 42 10.58 -0.22 21.39
N ARG B 43 10.78 1.08 21.65
CA ARG B 43 9.66 2.02 21.62
C ARG B 43 9.18 2.26 20.19
N MET B 44 10.10 2.32 19.24
CA MET B 44 9.72 2.61 17.86
C MET B 44 9.11 1.39 17.17
N LEU B 45 9.51 0.18 17.58
CA LEU B 45 8.95 -1.03 16.98
C LEU B 45 7.55 -1.30 17.48
N ARG B 46 7.27 -0.99 18.75
CA ARG B 46 5.91 -1.14 19.25
C ARG B 46 4.97 -0.20 18.50
N SER B 47 5.42 1.02 18.22
CA SER B 47 4.59 1.95 17.46
C SER B 47 4.50 1.54 16.00
N LEU B 48 5.55 0.92 15.46
CA LEU B 48 5.50 0.50 14.06
C LEU B 48 4.48 -0.60 13.87
N PHE B 49 4.49 -1.60 14.75
CA PHE B 49 3.53 -2.69 14.69
C PHE B 49 2.19 -2.30 15.28
N SER B 50 2.00 -1.02 15.58
CA SER B 50 0.70 -0.50 15.95
C SER B 50 -0.11 -0.07 14.73
N VAL B 51 0.41 -0.26 13.51
CA VAL B 51 -0.35 0.05 12.32
C VAL B 51 -1.67 -0.73 12.34
N VAL B 52 -2.78 -0.01 12.12
CA VAL B 52 -4.08 -0.64 12.20
C VAL B 52 -4.26 -1.64 11.07
N GLY B 53 -4.83 -2.80 11.41
CA GLY B 53 -5.11 -3.83 10.42
C GLY B 53 -3.85 -4.34 9.75
N GLY B 54 -3.99 -4.74 8.51
CA GLY B 54 -2.88 -5.29 7.76
C GLY B 54 -2.72 -6.77 8.02
N VAL B 55 -2.05 -7.44 7.07
CA VAL B 55 -1.85 -8.87 7.18
C VAL B 55 -0.67 -9.25 8.06
N ILE B 56 0.00 -8.29 8.65
CA ILE B 56 1.16 -8.59 9.49
C ILE B 56 0.67 -8.89 10.90
N ILE B 57 1.24 -9.93 11.50
CA ILE B 57 0.92 -10.31 12.87
C ILE B 57 2.10 -10.08 13.81
N SER B 58 3.32 -10.41 13.36
CA SER B 58 4.50 -10.26 14.20
C SER B 58 5.68 -9.87 13.32
N GLY B 59 6.83 -9.73 13.95
CA GLY B 59 8.05 -9.31 13.28
C GLY B 59 8.94 -8.57 14.24
N GLY B 60 10.21 -8.41 13.85
CA GLY B 60 11.16 -7.73 14.69
C GLY B 60 12.59 -7.95 14.22
N LEU B 61 13.51 -7.39 15.01
CA LEU B 61 14.93 -7.46 14.71
C LEU B 61 15.58 -8.63 15.43
N TRP B 62 16.64 -9.16 14.81
CA TRP B 62 17.31 -10.37 15.31
C TRP B 62 18.81 -10.16 15.19
N PRO B 63 19.44 -9.56 16.18
CA PRO B 63 20.86 -9.25 16.07
C PRO B 63 21.71 -10.50 16.05
N GLU B 64 22.88 -10.37 15.45
CA GLU B 64 23.88 -11.43 15.55
C GLU B 64 24.10 -11.79 17.02
N PRO B 65 24.30 -13.07 17.34
CA PRO B 65 24.47 -13.43 18.76
C PRO B 65 25.72 -12.80 19.35
N ASN B 66 25.62 -12.45 20.63
CA ASN B 66 26.71 -11.83 21.37
C ASN B 66 27.02 -10.43 20.87
N SER B 73 22.73 -15.23 29.28
CA SER B 73 22.55 -13.84 29.69
C SER B 73 21.88 -13.05 28.56
N LEU B 74 22.32 -11.81 28.35
CA LEU B 74 21.78 -10.98 27.28
C LEU B 74 22.49 -11.24 25.93
N ARG B 75 23.16 -12.37 25.78
CA ARG B 75 23.78 -12.71 24.50
C ARG B 75 22.75 -12.66 23.36
N TYR B 76 21.55 -13.16 23.60
CA TYR B 76 20.45 -13.05 22.65
C TYR B 76 19.61 -11.83 23.02
N ASP B 77 19.42 -10.91 22.06
CA ASP B 77 18.71 -9.65 22.31
C ASP B 77 17.80 -9.40 21.10
N SER B 78 16.67 -10.10 21.07
CA SER B 78 15.71 -10.01 19.98
C SER B 78 14.57 -9.09 20.38
N LEU B 79 14.34 -8.07 19.55
CA LEU B 79 13.21 -7.16 19.74
C LEU B 79 12.07 -7.70 18.89
N PHE B 80 11.24 -8.56 19.49
CA PHE B 80 10.16 -9.24 18.79
C PHE B 80 8.82 -8.79 19.35
N PHE B 81 7.90 -8.43 18.45
CA PHE B 81 6.60 -7.89 18.83
C PHE B 81 5.52 -8.67 18.10
N ASN B 82 4.48 -9.06 18.83
CA ASN B 82 3.40 -9.87 18.27
C ASN B 82 2.08 -9.13 18.42
N LYS B 83 1.13 -9.49 17.57
CA LYS B 83 -0.22 -8.91 17.57
C LYS B 83 -1.20 -9.94 18.10
N ALA B 84 -2.13 -9.48 18.94
CA ALA B 84 -3.17 -10.35 19.48
C ALA B 84 -4.55 -9.76 19.26
N VAL B 89 -0.02 -4.58 21.51
CA VAL B 89 1.21 -5.25 21.13
C VAL B 89 1.95 -5.75 22.37
N ASP B 90 2.56 -6.93 22.26
CA ASP B 90 3.32 -7.53 23.34
C ASP B 90 4.65 -8.01 22.83
N GLN B 91 5.70 -7.83 23.62
CA GLN B 91 7.05 -8.22 23.24
C GLN B 91 7.32 -9.63 23.75
N LEU B 92 7.52 -10.57 22.83
CA LEU B 92 7.77 -11.96 23.17
C LEU B 92 9.26 -12.23 23.00
N SER B 93 9.85 -12.92 23.98
CA SER B 93 11.30 -13.07 24.03
C SER B 93 11.69 -14.48 24.42
N SER B 94 10.94 -15.48 23.96
CA SER B 94 11.35 -16.85 24.23
C SER B 94 12.50 -17.28 23.31
N TRP B 95 12.57 -16.70 22.11
CA TRP B 95 13.67 -17.03 21.20
C TRP B 95 15.04 -16.71 21.79
N ASN B 96 15.10 -15.95 22.87
CA ASN B 96 16.37 -15.51 23.44
C ASN B 96 16.89 -16.44 24.51
N ASN B 97 16.36 -17.64 24.61
CA ASN B 97 16.69 -18.55 25.70
C ASN B 97 17.13 -19.90 25.15
N GLY B 102 18.26 -21.33 19.79
CA GLY B 102 17.97 -19.93 19.54
C GLY B 102 17.49 -19.67 18.12
N TYR B 103 17.08 -18.42 17.87
CA TYR B 103 16.58 -18.06 16.55
C TYR B 103 17.65 -18.05 15.47
N ASP B 104 18.93 -18.18 15.85
CA ASP B 104 19.99 -18.06 14.86
C ASP B 104 19.97 -19.21 13.85
N ARG B 105 19.49 -20.38 14.24
CA ARG B 105 19.46 -21.54 13.36
C ARG B 105 18.12 -21.71 12.65
N GLU B 106 17.18 -20.79 12.82
CA GLU B 106 15.91 -20.87 12.12
C GLU B 106 16.10 -20.61 10.64
N SER B 107 15.32 -21.30 9.81
CA SER B 107 15.52 -21.22 8.36
C SER B 107 15.39 -19.79 7.87
N TRP B 108 14.44 -19.03 8.43
CA TRP B 108 14.25 -17.66 7.97
C TRP B 108 15.44 -16.78 8.35
N TYR B 109 16.07 -17.04 9.50
CA TYR B 109 17.25 -16.27 9.88
C TYR B 109 18.46 -16.67 9.04
N LEU B 110 18.55 -17.94 8.67
CA LEU B 110 19.67 -18.37 7.84
C LEU B 110 19.51 -17.89 6.41
N ALA B 111 18.27 -17.79 5.93
CA ALA B 111 18.04 -17.34 4.56
C ALA B 111 18.63 -15.95 4.32
N ALA B 112 18.58 -15.09 5.33
CA ALA B 112 19.09 -13.73 5.23
C ALA B 112 20.48 -13.58 5.81
N GLU B 113 21.07 -14.63 6.36
CA GLU B 113 22.34 -14.52 7.04
C GLU B 113 23.47 -14.23 6.07
N ARG B 114 24.20 -13.14 6.33
CA ARG B 114 25.31 -12.67 5.49
C ARG B 114 24.92 -12.59 4.02
N GLU B 115 23.78 -11.94 3.76
CA GLU B 115 23.26 -11.71 2.42
C GLU B 115 23.25 -10.23 2.12
N ALA B 116 23.22 -9.90 0.82
CA ALA B 116 23.31 -8.51 0.40
C ALA B 116 22.07 -7.74 0.84
N GLU B 117 22.28 -6.58 1.46
CA GLU B 117 21.17 -5.77 1.93
C GLU B 117 20.21 -5.46 0.77
N GLY B 118 18.93 -5.33 1.11
CA GLY B 118 17.91 -5.07 0.11
C GLY B 118 17.22 -6.30 -0.43
N LEU B 119 17.81 -7.47 -0.27
CA LEU B 119 17.15 -8.71 -0.69
C LEU B 119 16.08 -9.08 0.33
N TYR B 120 15.00 -9.68 -0.18
CA TYR B 120 13.86 -10.10 0.65
C TYR B 120 13.58 -11.56 0.36
N PHE B 121 13.61 -12.38 1.41
CA PHE B 121 13.46 -13.82 1.28
C PHE B 121 12.12 -14.26 1.87
N TRP B 122 11.38 -15.04 1.10
CA TRP B 122 10.06 -15.50 1.50
C TRP B 122 10.15 -16.99 1.83
N SER B 123 10.00 -17.31 3.11
CA SER B 123 9.99 -18.69 3.53
C SER B 123 8.77 -19.39 2.94
N PRO B 124 8.82 -20.71 2.80
CA PRO B 124 7.62 -21.47 2.47
C PRO B 124 6.60 -21.37 3.59
N VAL B 125 5.36 -21.81 3.29
CA VAL B 125 4.29 -21.73 4.28
C VAL B 125 4.59 -22.67 5.42
N TYR B 126 4.43 -22.19 6.65
CA TYR B 126 4.67 -23.01 7.83
C TYR B 126 3.83 -22.48 8.98
N VAL B 127 3.73 -23.28 10.02
CA VAL B 127 3.02 -22.91 11.25
C VAL B 127 4.08 -22.57 12.30
N ASP B 128 3.88 -21.46 12.99
CA ASP B 128 4.87 -20.98 13.93
C ASP B 128 4.92 -21.86 15.17
N PRO B 129 6.08 -22.43 15.52
CA PRO B 129 6.15 -23.22 16.76
C PRO B 129 6.04 -22.39 18.03
N TYR B 130 5.84 -21.08 17.92
CA TYR B 130 5.63 -20.21 19.07
C TYR B 130 4.22 -19.64 19.10
N THR B 131 3.84 -18.87 18.08
CA THR B 131 2.55 -18.20 18.09
C THR B 131 1.40 -19.12 17.69
N ARG B 132 1.70 -20.20 16.97
CA ARG B 132 0.68 -21.18 16.58
C ARG B 132 -0.28 -20.59 15.55
N VAL B 133 0.26 -19.79 14.62
CA VAL B 133 -0.53 -19.11 13.60
C VAL B 133 0.08 -19.39 12.25
N GLU B 134 -0.69 -20.04 11.37
CA GLU B 134 -0.23 -20.27 10.00
C GLU B 134 0.25 -18.95 9.41
N MET B 135 1.52 -18.89 9.03
CA MET B 135 2.14 -17.63 8.69
C MET B 135 3.19 -17.83 7.62
N ILE B 136 3.64 -16.69 7.05
CA ILE B 136 4.74 -16.64 6.11
C ILE B 136 5.69 -15.53 6.57
N THR B 137 6.99 -15.81 6.54
CA THR B 137 7.99 -14.91 7.08
C THR B 137 8.86 -14.37 5.94
N VAL B 138 8.89 -13.05 5.82
CA VAL B 138 9.84 -12.35 4.98
C VAL B 138 11.00 -11.90 5.84
N SER B 139 12.21 -12.11 5.35
CA SER B 139 13.42 -11.78 6.09
C SER B 139 14.38 -11.03 5.20
N THR B 140 15.12 -10.09 5.79
CA THR B 140 16.12 -9.30 5.08
C THR B 140 17.23 -8.98 6.06
N PRO B 141 18.47 -8.80 5.60
CA PRO B 141 19.55 -8.42 6.51
C PRO B 141 19.78 -6.92 6.57
N TYR B 142 20.13 -6.45 7.76
CA TYR B 142 20.53 -5.06 7.95
C TYR B 142 21.96 -5.03 8.46
N TYR B 143 22.71 -4.00 8.03
CA TYR B 143 24.13 -3.90 8.28
C TYR B 143 24.46 -2.62 9.03
N ARG B 144 25.51 -2.69 9.85
CA ARG B 144 26.04 -1.54 10.56
C ARG B 144 27.56 -1.67 10.59
N ASN B 145 28.26 -0.56 10.33
CA ASN B 145 29.72 -0.53 10.35
C ASN B 145 30.30 -1.56 9.37
N GLY B 146 29.66 -1.70 8.20
CA GLY B 146 30.15 -2.61 7.18
C GLY B 146 30.04 -4.08 7.50
N GLN B 147 29.45 -4.45 8.64
CA GLN B 147 29.23 -5.85 9.03
C GLN B 147 27.75 -6.13 9.09
N PHE B 148 27.40 -7.39 8.88
CA PHE B 148 26.07 -7.89 9.18
C PHE B 148 25.72 -7.61 10.64
N ALA B 149 24.63 -6.89 10.86
CA ALA B 149 24.20 -6.54 12.21
C ALA B 149 23.07 -7.42 12.74
N GLY B 150 22.13 -7.81 11.89
CA GLY B 150 21.06 -8.69 12.34
C GLY B 150 20.13 -9.02 11.19
N VAL B 151 18.91 -9.43 11.54
CA VAL B 151 17.88 -9.74 10.57
C VAL B 151 16.60 -9.03 10.98
N ALA B 152 15.88 -8.50 10.00
CA ALA B 152 14.56 -7.92 10.21
C ALA B 152 13.53 -8.77 9.48
N THR B 153 12.50 -9.20 10.20
CA THR B 153 11.49 -10.10 9.64
C THR B 153 10.10 -9.57 9.91
N VAL B 154 9.20 -9.78 8.96
CA VAL B 154 7.78 -9.51 9.12
C VAL B 154 7.03 -10.81 8.81
N ASN B 155 6.17 -11.22 9.74
CA ASN B 155 5.39 -12.43 9.56
C ASN B 155 3.96 -12.06 9.21
N LEU B 156 3.38 -12.84 8.31
CA LEU B 156 2.10 -12.53 7.70
C LEU B 156 1.13 -13.66 8.04
N SER B 157 0.03 -13.32 8.71
CA SER B 157 -1.00 -14.30 8.98
C SER B 157 -1.64 -14.75 7.67
N LEU B 158 -1.86 -16.05 7.55
CA LEU B 158 -2.50 -16.57 6.35
C LEU B 158 -4.01 -16.37 6.40
N GLU B 159 -4.62 -16.49 7.59
CA GLU B 159 -6.06 -16.27 7.69
C GLU B 159 -6.42 -14.91 7.11
N SER B 160 -5.69 -13.87 7.50
CA SER B 160 -5.98 -12.54 6.98
C SER B 160 -5.74 -12.48 5.48
N LEU B 161 -4.64 -13.10 5.02
CA LEU B 161 -4.35 -13.08 3.59
C LEU B 161 -5.44 -13.78 2.79
N ILE B 162 -6.07 -14.79 3.36
CA ILE B 162 -7.14 -15.48 2.65
C ILE B 162 -8.40 -14.61 2.63
N GLN B 163 -8.67 -13.90 3.72
CA GLN B 163 -9.87 -13.08 3.77
C GLN B 163 -9.78 -11.89 2.83
N PHE B 164 -8.58 -11.33 2.65
CA PHE B 164 -8.41 -10.19 1.76
C PHE B 164 -8.48 -10.64 0.30
N VAL B 165 -7.77 -11.71 -0.05
CA VAL B 165 -7.82 -12.23 -1.41
C VAL B 165 -9.23 -12.65 -1.77
N ALA B 166 -9.91 -13.32 -0.85
CA ALA B 166 -11.27 -13.78 -1.11
C ALA B 166 -12.21 -12.60 -1.27
N ALA B 167 -12.13 -11.64 -0.33
CA ALA B 167 -13.02 -10.48 -0.39
C ALA B 167 -12.84 -9.73 -1.71
N THR B 168 -11.60 -9.59 -2.16
CA THR B 168 -11.37 -8.92 -3.43
C THR B 168 -11.95 -9.71 -4.59
N ALA B 169 -11.83 -11.04 -4.55
CA ALA B 169 -12.29 -11.85 -5.68
C ALA B 169 -13.81 -11.79 -5.82
N GLU B 170 -14.52 -11.88 -4.69
CA GLU B 170 -15.98 -11.83 -4.75
C GLU B 170 -16.48 -10.45 -5.20
N GLN B 171 -15.76 -9.39 -4.85
CA GLN B 171 -16.20 -8.06 -5.27
C GLN B 171 -16.10 -7.89 -6.77
N TYR B 172 -15.20 -8.63 -7.41
CA TYR B 172 -15.07 -8.63 -8.86
C TYR B 172 -15.80 -9.79 -9.52
N ASN B 173 -16.34 -10.72 -8.74
CA ASN B 173 -16.99 -11.93 -9.25
C ASN B 173 -15.98 -12.82 -10.00
N LEU B 174 -15.04 -13.35 -9.21
CA LEU B 174 -13.99 -14.19 -9.75
C LEU B 174 -13.66 -15.31 -8.76
N GLY B 175 -12.99 -16.35 -9.28
CA GLY B 175 -12.24 -17.27 -8.46
C GLY B 175 -10.77 -16.96 -8.60
N VAL B 176 -9.95 -17.49 -7.69
CA VAL B 176 -8.53 -17.13 -7.66
C VAL B 176 -7.72 -18.28 -7.08
N ASN B 177 -6.45 -18.32 -7.47
CA ASN B 177 -5.47 -19.26 -6.94
C ASN B 177 -4.13 -18.57 -6.87
N LEU B 178 -3.71 -18.19 -5.65
CA LEU B 178 -2.38 -17.62 -5.43
C LEU B 178 -1.36 -18.73 -5.22
N LYS B 179 -0.19 -18.57 -5.85
CA LYS B 179 0.88 -19.54 -5.73
C LYS B 179 2.21 -18.82 -5.53
N ASP B 180 3.21 -19.58 -5.13
CA ASP B 180 4.54 -19.03 -4.91
C ASP B 180 5.44 -19.39 -6.10
N ALA B 181 6.71 -18.99 -5.99
CA ALA B 181 7.73 -19.61 -6.82
C ALA B 181 7.76 -21.10 -6.57
N PHE B 182 7.52 -21.52 -5.33
CA PHE B 182 7.43 -22.92 -4.98
C PHE B 182 6.22 -23.59 -5.64
N GLY B 183 5.32 -22.81 -6.25
CA GLY B 183 4.06 -23.33 -6.73
C GLY B 183 3.07 -23.64 -5.64
N VAL B 184 3.41 -23.38 -4.38
CA VAL B 184 2.54 -23.73 -3.27
C VAL B 184 1.33 -22.82 -3.30
N GLU B 185 0.14 -23.40 -3.48
CA GLU B 185 -1.11 -22.64 -3.52
C GLU B 185 -1.39 -22.07 -2.14
N VAL B 186 -1.13 -20.78 -1.97
CA VAL B 186 -1.34 -20.13 -0.68
C VAL B 186 -2.81 -19.86 -0.43
N VAL B 187 -3.54 -19.44 -1.47
CA VAL B 187 -4.95 -19.12 -1.36
C VAL B 187 -5.71 -19.81 -2.49
N SER B 188 -6.88 -20.35 -2.17
CA SER B 188 -7.73 -20.99 -3.17
C SER B 188 -9.17 -20.77 -2.74
N HIS B 189 -9.89 -19.95 -3.52
CA HIS B 189 -11.24 -19.55 -3.17
C HIS B 189 -12.11 -19.64 -4.40
N ASN B 190 -13.10 -20.53 -4.37
CA ASN B 190 -14.08 -20.69 -5.44
C ASN B 190 -13.40 -20.78 -6.81
N PHE B 191 -12.51 -21.76 -6.93
CA PHE B 191 -11.84 -22.06 -8.19
C PHE B 191 -11.92 -23.56 -8.44
N ASP B 195 -13.32 -30.48 -17.57
CA ASP B 195 -13.95 -29.17 -17.42
C ASP B 195 -13.55 -28.24 -18.57
N ASN B 196 -14.36 -27.22 -18.81
CA ASN B 196 -14.09 -26.20 -19.82
C ASN B 196 -14.28 -24.84 -19.17
N ALA B 197 -13.23 -24.01 -19.22
CA ALA B 197 -13.26 -22.68 -18.62
C ALA B 197 -12.15 -21.85 -19.27
N LEU B 198 -12.10 -20.58 -18.87
CA LEU B 198 -11.08 -19.63 -19.34
C LEU B 198 -10.32 -19.10 -18.13
N VAL B 199 -8.99 -19.20 -18.19
CA VAL B 199 -8.15 -18.88 -17.05
C VAL B 199 -7.14 -17.83 -17.46
N SER B 200 -6.79 -16.96 -16.52
CA SER B 200 -5.76 -15.96 -16.68
C SER B 200 -4.63 -16.27 -15.70
N TYR B 201 -3.40 -16.17 -16.17
CA TYR B 201 -2.21 -16.39 -15.35
C TYR B 201 -1.43 -15.08 -15.29
N TYR B 202 -1.03 -14.69 -14.08
CA TYR B 202 -0.45 -13.37 -13.85
C TYR B 202 0.59 -13.49 -12.75
N SER B 203 1.87 -13.40 -13.12
CA SER B 203 2.97 -13.38 -12.17
C SER B 203 3.47 -11.95 -12.05
N PHE B 204 3.49 -11.43 -10.81
CA PHE B 204 3.79 -10.03 -10.56
C PHE B 204 4.76 -9.90 -9.40
N GLY B 205 5.59 -8.87 -9.48
CA GLY B 205 6.49 -8.53 -8.39
C GLY B 205 7.76 -9.37 -8.37
N GLU B 206 8.77 -8.84 -7.69
CA GLU B 206 10.01 -9.56 -7.45
C GLU B 206 9.67 -10.96 -6.93
N PHE B 207 9.20 -11.01 -5.68
CA PHE B 207 8.59 -12.21 -5.13
C PHE B 207 7.70 -12.88 -6.18
N ASN B 208 8.06 -14.11 -6.55
CA ASN B 208 7.52 -14.76 -7.74
C ASN B 208 6.19 -15.44 -7.41
N TRP B 209 5.20 -14.60 -7.16
CA TRP B 209 3.86 -15.04 -6.83
C TRP B 209 2.95 -14.81 -8.03
N GLN B 210 2.14 -15.80 -8.35
CA GLN B 210 1.25 -15.74 -9.49
C GLN B 210 -0.18 -15.98 -9.04
N ILE B 211 -1.13 -15.57 -9.88
CA ILE B 211 -2.54 -15.84 -9.64
C ILE B 211 -3.13 -16.52 -10.85
N GLU B 212 -4.09 -17.40 -10.59
CA GLU B 212 -4.95 -18.00 -11.61
C GLU B 212 -6.36 -17.62 -11.25
N VAL B 213 -7.07 -16.97 -12.17
CA VAL B 213 -8.40 -16.44 -11.90
C VAL B 213 -9.37 -16.90 -12.97
N VAL B 214 -10.61 -17.18 -12.57
CA VAL B 214 -11.69 -17.55 -13.45
C VAL B 214 -12.85 -16.59 -13.21
N ASN B 215 -13.89 -16.73 -14.01
CA ASN B 215 -15.10 -15.95 -13.85
C ASN B 215 -16.09 -16.75 -13.01
N ALA B 216 -16.71 -16.09 -12.04
CA ALA B 216 -17.69 -16.71 -11.18
C ALA B 216 -19.02 -15.94 -11.25
#